data_2A8B
#
_entry.id   2A8B
#
_cell.length_a   63.193
_cell.length_b   74.098
_cell.length_c   62.328
_cell.angle_alpha   90.00
_cell.angle_beta   90.00
_cell.angle_gamma   90.00
#
_symmetry.space_group_name_H-M   'P 21 21 2'
#
loop_
_entity.id
_entity.type
_entity.pdbx_description
1 polymer 'Receptor-type tyrosine-protein phosphatase R'
2 non-polymer 'CHLORIDE ION'
3 water water
#
_entity_poly.entity_id   1
_entity_poly.type   'polypeptide(L)'
_entity_poly.pdbx_seq_one_letter_code
;IPSRILTRSQLRDVVASSHLLQSEFMEIPMNFVDPKEIDIPRHGTKNRYKTILPNPLSRVCLRPKNVTDSLSTYINANYI
RGYSGKEKAFIATQGPMINTVDDFWQMVWQEDSPVIVMITKLKEKNEKCVLYWPEKRGIYGKVEVLVISVNECDNYTIRN
LVLKQGSHTQHVKHYWYTSWPDHKTPDSAQPLLQLMLDVEEDRLASQGRGPVVVHCSAGIGRTGCFIATSIGCQQLKEEG
VVDALSIVCQLRMDRGGMVQTSEQYEFVHHALCLYESRLSAET
;
_entity_poly.pdbx_strand_id   A
#
# COMPACT_ATOMS: atom_id res chain seq x y z
N ILE A 1 -3.12 7.02 20.50
CA ILE A 1 -2.45 7.92 21.48
C ILE A 1 -2.44 9.37 20.97
N PRO A 2 -1.97 9.59 19.73
CA PRO A 2 -2.39 10.77 18.98
C PRO A 2 -3.76 10.50 18.35
N SER A 3 -4.77 11.22 18.82
CA SER A 3 -6.16 10.92 18.51
C SER A 3 -6.93 12.18 18.13
N ARG A 4 -7.88 12.00 17.22
CA ARG A 4 -8.69 13.08 16.68
C ARG A 4 -9.80 12.37 15.92
N ILE A 5 -10.73 11.79 16.67
CA ILE A 5 -11.82 11.05 16.06
C ILE A 5 -12.84 12.07 15.53
N LEU A 6 -13.26 11.86 14.29
CA LEU A 6 -14.17 12.75 13.59
C LEU A 6 -15.48 12.04 13.27
N THR A 7 -16.60 12.66 13.66
CA THR A 7 -17.91 12.20 13.21
C THR A 7 -18.06 12.55 11.73
N ARG A 8 -19.14 12.07 11.12
CA ARG A 8 -19.36 12.28 9.70
C ARG A 8 -19.53 13.75 9.36
N SER A 9 -20.28 14.47 10.19
CA SER A 9 -20.40 15.92 10.09
C SER A 9 -19.02 16.59 10.24
N GLN A 10 -18.33 16.29 11.34
CA GLN A 10 -16.98 16.82 11.61
C GLN A 10 -16.04 16.59 10.43
N LEU A 11 -16.03 15.36 9.93
CA LEU A 11 -15.28 14.99 8.74
C LEU A 11 -15.64 15.85 7.53
N ARG A 12 -16.94 16.08 7.32
CA ARG A 12 -17.39 16.86 6.17
C ARG A 12 -16.99 18.35 6.27
N ASP A 13 -16.80 18.85 7.49
CA ASP A 13 -16.40 20.23 7.69
C ASP A 13 -14.90 20.44 7.47
N VAL A 14 -14.10 19.49 7.94
CA VAL A 14 -12.63 19.60 7.93
C VAL A 14 -12.02 19.58 6.53
N VAL A 15 -12.79 19.16 5.54
CA VAL A 15 -12.36 19.20 4.14
C VAL A 15 -12.09 20.66 3.69
N ALA A 16 -13.00 21.57 4.06
CA ALA A 16 -12.79 23.00 3.89
C ALA A 16 -12.11 23.55 5.15
N SER A 17 -10.94 23.00 5.47
CA SER A 17 -10.15 23.38 6.64
C SER A 17 -8.74 22.79 6.45
N SER A 18 -8.12 23.21 5.35
CA SER A 18 -6.77 22.79 5.00
C SER A 18 -5.74 23.28 6.02
N HIS A 19 -5.93 24.51 6.49
CA HIS A 19 -5.03 25.10 7.48
C HIS A 19 -4.82 24.18 8.68
N LEU A 20 -5.93 23.68 9.23
CA LEU A 20 -5.91 22.84 10.42
C LEU A 20 -5.29 21.46 10.11
N LEU A 21 -5.60 20.92 8.94
CA LEU A 21 -5.04 19.62 8.54
C LEU A 21 -3.51 19.65 8.35
N GLN A 22 -2.97 20.78 7.90
CA GLN A 22 -1.52 20.94 7.75
C GLN A 22 -0.83 20.83 9.12
N SER A 23 -1.27 21.61 10.09
CA SER A 23 -0.70 21.58 11.46
C SER A 23 -0.99 20.27 12.21
N GLU A 24 -2.12 19.64 11.92
CA GLU A 24 -2.44 18.34 12.46
C GLU A 24 -1.46 17.30 11.89
N PHE A 25 -1.30 17.30 10.57
CA PHE A 25 -0.31 16.46 9.91
C PHE A 25 1.10 16.68 10.47
N MET A 26 1.49 17.94 10.60
CA MET A 26 2.83 18.33 11.08
C MET A 26 3.12 17.83 12.51
N GLU A 27 2.07 17.62 13.31
CA GLU A 27 2.20 17.06 14.66
C GLU A 27 2.42 15.53 14.70
N ILE A 28 2.40 14.85 13.56
CA ILE A 28 2.65 13.40 13.53
C ILE A 28 4.11 13.11 13.15
N PRO A 29 4.86 12.44 14.03
CA PRO A 29 6.24 12.09 13.68
C PRO A 29 6.30 11.03 12.60
N MET A 30 7.28 11.15 11.71
CA MET A 30 7.42 10.27 10.55
C MET A 30 7.79 8.82 10.91
N ASN A 31 8.48 8.64 12.02
CA ASN A 31 8.92 7.32 12.48
C ASN A 31 9.89 6.58 11.54
N PHE A 32 10.66 7.34 10.77
CA PHE A 32 11.69 6.77 9.92
C PHE A 32 12.69 6.06 10.80
N VAL A 33 13.18 4.93 10.29
CA VAL A 33 14.07 4.06 11.03
C VAL A 33 15.44 4.69 11.04
N ASP A 34 16.16 4.56 12.15
CA ASP A 34 17.58 4.87 12.17
C ASP A 34 18.28 3.77 11.37
N PRO A 35 19.11 4.15 10.37
CA PRO A 35 19.92 3.15 9.62
C PRO A 35 20.58 2.07 10.51
N LYS A 36 21.07 2.45 11.68
CA LYS A 36 21.74 1.50 12.58
C LYS A 36 20.80 0.45 13.21
N GLU A 37 19.48 0.67 13.12
CA GLU A 37 18.49 -0.26 13.67
C GLU A 37 18.43 -1.53 12.81
N ILE A 38 18.59 -1.33 11.50
CA ILE A 38 18.64 -2.43 10.53
C ILE A 38 20.07 -2.95 10.55
N ASP A 39 20.22 -4.25 10.77
CA ASP A 39 21.53 -4.89 10.84
C ASP A 39 21.63 -5.96 9.74
N ILE A 40 21.47 -5.52 8.51
CA ILE A 40 21.52 -6.37 7.34
C ILE A 40 22.49 -5.73 6.37
N PRO A 41 23.77 -6.10 6.45
CA PRO A 41 24.75 -5.60 5.49
C PRO A 41 24.28 -5.64 4.04
N ARG A 42 24.36 -4.48 3.37
CA ARG A 42 24.08 -4.32 1.94
C ARG A 42 22.60 -4.32 1.61
N HIS A 43 21.78 -4.01 2.62
CA HIS A 43 20.36 -3.89 2.41
C HIS A 43 20.10 -2.71 1.46
N GLY A 44 21.02 -1.74 1.46
CA GLY A 44 20.94 -0.56 0.60
C GLY A 44 20.83 -0.88 -0.88
N THR A 45 21.48 -1.96 -1.28
CA THR A 45 21.46 -2.43 -2.65
C THR A 45 20.04 -2.77 -3.11
N LYS A 46 19.19 -3.15 -2.16
CA LYS A 46 17.80 -3.54 -2.43
C LYS A 46 16.75 -2.44 -2.09
N ASN A 47 17.23 -1.22 -1.86
CA ASN A 47 16.40 -0.05 -1.55
C ASN A 47 16.45 0.96 -2.68
N ARG A 48 15.27 1.42 -3.07
CA ARG A 48 15.10 2.38 -4.14
C ARG A 48 15.40 3.77 -3.65
N TYR A 49 15.03 4.06 -2.42
CA TYR A 49 15.36 5.33 -1.76
C TYR A 49 16.11 4.97 -0.50
N LYS A 50 17.28 5.55 -0.34
CA LYS A 50 18.22 5.04 0.65
C LYS A 50 17.83 5.34 2.10
N THR A 51 16.93 6.30 2.28
CA THR A 51 16.44 6.73 3.58
C THR A 51 15.00 6.26 3.84
N ILE A 52 14.36 5.67 2.84
CA ILE A 52 13.05 5.03 3.04
C ILE A 52 13.30 3.54 3.26
N LEU A 53 13.31 3.16 4.52
CA LEU A 53 13.69 1.82 4.91
C LEU A 53 12.55 1.16 5.63
N PRO A 54 12.50 -0.16 5.58
CA PRO A 54 11.48 -0.90 6.33
C PRO A 54 11.81 -0.97 7.81
N ASN A 55 10.88 -0.56 8.67
CA ASN A 55 11.04 -0.78 10.10
C ASN A 55 11.22 -2.28 10.32
N PRO A 56 12.33 -2.69 10.98
CA PRO A 56 12.61 -4.10 11.16
C PRO A 56 11.56 -4.94 11.88
N LEU A 57 10.83 -4.36 12.82
CA LEU A 57 9.85 -5.16 13.59
C LEU A 57 8.66 -5.65 12.76
N SER A 58 8.44 -4.99 11.62
CA SER A 58 7.32 -5.25 10.77
C SER A 58 7.74 -5.58 9.35
N ARG A 59 9.04 -5.77 9.12
CA ARG A 59 9.52 -6.01 7.75
C ARG A 59 9.15 -7.40 7.28
N VAL A 60 8.89 -7.50 5.98
CA VAL A 60 8.54 -8.75 5.35
C VAL A 60 9.83 -9.48 5.12
N CYS A 61 9.92 -10.68 5.67
CA CYS A 61 11.13 -11.46 5.64
C CYS A 61 10.93 -12.53 4.61
N LEU A 62 11.71 -12.46 3.53
CA LEU A 62 11.66 -13.48 2.50
C LEU A 62 12.10 -14.80 3.10
N ARG A 63 11.52 -15.88 2.61
CA ARG A 63 11.85 -17.21 3.10
C ARG A 63 12.41 -18.05 1.96
N PRO A 64 13.61 -17.69 1.46
CA PRO A 64 14.27 -18.56 0.50
C PRO A 64 14.82 -19.78 1.22
N LYS A 65 15.16 -20.83 0.46
CA LYS A 65 15.74 -22.03 1.05
C LYS A 65 17.21 -22.11 0.70
N ASN A 66 17.99 -22.68 1.62
CA ASN A 66 19.40 -22.98 1.41
C ASN A 66 20.34 -21.80 1.19
N VAL A 67 19.94 -20.63 1.72
CA VAL A 67 20.84 -19.52 1.91
C VAL A 67 21.03 -19.30 3.41
N THR A 68 22.17 -18.73 3.79
CA THR A 68 22.52 -18.54 5.20
C THR A 68 22.55 -17.05 5.61
N ASP A 69 22.51 -16.14 4.65
CA ASP A 69 22.68 -14.70 4.95
C ASP A 69 21.35 -13.96 5.17
N SER A 70 21.40 -12.92 6.01
CA SER A 70 20.21 -12.10 6.30
C SER A 70 19.75 -11.27 5.08
N LEU A 71 20.70 -10.87 4.23
CA LEU A 71 20.33 -10.11 3.04
C LEU A 71 19.36 -10.88 2.15
N SER A 72 19.47 -12.21 2.16
CA SER A 72 18.59 -13.08 1.38
C SER A 72 17.13 -13.04 1.84
N THR A 73 16.90 -12.56 3.05
CA THR A 73 15.54 -12.41 3.59
C THR A 73 15.00 -11.00 3.44
N TYR A 74 15.83 -10.10 2.90
CA TYR A 74 15.48 -8.71 2.90
C TYR A 74 14.70 -8.26 1.64
N ILE A 75 13.60 -7.57 1.90
CA ILE A 75 12.89 -6.79 0.91
C ILE A 75 12.39 -5.51 1.61
N ASN A 76 12.44 -4.38 0.91
CA ASN A 76 11.91 -3.12 1.42
C ASN A 76 10.39 -3.16 1.37
N ALA A 77 9.82 -3.66 2.46
CA ALA A 77 8.40 -4.02 2.54
C ALA A 77 8.10 -4.25 3.99
N ASN A 78 6.95 -3.77 4.43
CA ASN A 78 6.50 -3.97 5.79
C ASN A 78 5.09 -4.47 5.79
N TYR A 79 4.77 -5.32 6.77
CA TYR A 79 3.38 -5.65 7.02
C TYR A 79 2.71 -4.45 7.66
N ILE A 80 1.46 -4.23 7.29
CA ILE A 80 0.71 -3.10 7.77
C ILE A 80 -0.54 -3.66 8.40
N ARG A 81 -0.80 -3.25 9.62
CA ARG A 81 -2.00 -3.66 10.33
C ARG A 81 -3.22 -2.94 9.77
N GLY A 82 -4.35 -3.63 9.76
CA GLY A 82 -5.56 -3.09 9.18
C GLY A 82 -6.43 -2.47 10.24
N TYR A 83 -7.71 -2.36 9.91
CA TYR A 83 -8.71 -1.94 10.85
C TYR A 83 -8.70 -2.88 12.05
N SER A 84 -8.86 -2.31 13.25
CA SER A 84 -8.79 -3.01 14.55
C SER A 84 -7.41 -3.58 14.92
N GLY A 85 -6.36 -3.20 14.21
CA GLY A 85 -5.04 -3.78 14.42
C GLY A 85 -4.86 -5.13 13.75
N LYS A 86 -5.77 -5.47 12.82
CA LYS A 86 -5.68 -6.72 12.05
C LYS A 86 -4.29 -6.86 11.47
N GLU A 87 -3.52 -7.83 11.96
CA GLU A 87 -2.18 -8.08 11.46
C GLU A 87 -2.18 -8.44 9.97
N LYS A 88 -1.16 -7.96 9.26
CA LYS A 88 -0.92 -8.33 7.86
C LYS A 88 -2.13 -8.09 6.96
N ALA A 89 -2.87 -7.02 7.19
CA ALA A 89 -3.94 -6.62 6.28
C ALA A 89 -3.32 -6.13 4.97
N PHE A 90 -2.18 -5.47 5.06
CA PHE A 90 -1.48 -5.00 3.88
C PHE A 90 0.00 -5.23 3.99
N ILE A 91 0.64 -5.18 2.84
CA ILE A 91 2.07 -4.94 2.76
C ILE A 91 2.24 -3.67 1.96
N ALA A 92 2.99 -2.73 2.56
CA ALA A 92 3.47 -1.55 1.86
C ALA A 92 4.91 -1.80 1.43
N THR A 93 5.18 -1.62 0.15
CA THR A 93 6.50 -1.84 -0.38
C THR A 93 6.86 -0.80 -1.45
N GLN A 94 8.14 -0.74 -1.76
CA GLN A 94 8.64 0.15 -2.81
C GLN A 94 8.35 -0.48 -4.17
N GLY A 95 8.44 0.34 -5.21
CA GLY A 95 8.42 -0.13 -6.57
C GLY A 95 9.62 -1.03 -6.77
N PRO A 96 9.37 -2.28 -7.28
CA PRO A 96 10.48 -3.17 -7.53
C PRO A 96 11.55 -2.55 -8.43
N MET A 97 12.80 -2.86 -8.12
CA MET A 97 13.92 -2.50 -8.96
C MET A 97 14.27 -3.71 -9.78
N ILE A 98 15.16 -3.50 -10.74
CA ILE A 98 15.59 -4.54 -11.66
C ILE A 98 16.13 -5.75 -10.88
N ASN A 99 16.88 -5.46 -9.82
CA ASN A 99 17.50 -6.47 -8.96
C ASN A 99 16.64 -6.97 -7.80
N THR A 100 15.37 -6.58 -7.76
CA THR A 100 14.46 -7.00 -6.70
C THR A 100 13.09 -7.52 -7.21
N VAL A 101 12.96 -7.77 -8.51
CA VAL A 101 11.71 -8.28 -9.07
C VAL A 101 11.40 -9.71 -8.59
N ASP A 102 12.42 -10.59 -8.60
CA ASP A 102 12.22 -11.96 -8.12
C ASP A 102 11.89 -11.95 -6.63
N ASP A 103 12.58 -11.07 -5.88
CA ASP A 103 12.30 -10.83 -4.45
C ASP A 103 10.84 -10.46 -4.23
N PHE A 104 10.36 -9.53 -5.05
CA PHE A 104 8.97 -9.07 -4.98
C PHE A 104 8.01 -10.24 -5.10
N TRP A 105 8.20 -11.04 -6.14
CA TRP A 105 7.30 -12.17 -6.40
C TRP A 105 7.48 -13.28 -5.38
N GLN A 106 8.70 -13.49 -4.89
CA GLN A 106 8.88 -14.37 -3.72
C GLN A 106 7.97 -13.95 -2.56
N MET A 107 7.90 -12.64 -2.32
CA MET A 107 7.02 -12.09 -1.30
C MET A 107 5.53 -12.32 -1.60
N VAL A 108 5.10 -12.02 -2.83
CA VAL A 108 3.69 -12.19 -3.19
C VAL A 108 3.28 -13.64 -3.01
N TRP A 109 4.10 -14.55 -3.56
CA TRP A 109 3.89 -15.98 -3.40
C TRP A 109 3.83 -16.46 -1.94
N GLN A 110 4.92 -16.21 -1.20
CA GLN A 110 5.08 -16.70 0.18
C GLN A 110 4.02 -16.16 1.17
N GLU A 111 3.53 -14.95 0.92
CA GLU A 111 2.53 -14.32 1.75
C GLU A 111 1.10 -14.66 1.29
N ASP A 112 0.96 -15.27 0.11
CA ASP A 112 -0.36 -15.63 -0.46
C ASP A 112 -1.24 -14.41 -0.69
N SER A 113 -0.63 -13.33 -1.21
CA SER A 113 -1.32 -12.08 -1.45
C SER A 113 -2.28 -12.27 -2.63
N PRO A 114 -3.54 -11.83 -2.46
CA PRO A 114 -4.52 -11.97 -3.54
C PRO A 114 -4.52 -10.81 -4.52
N VAL A 115 -3.97 -9.67 -4.13
CA VAL A 115 -4.10 -8.42 -4.86
C VAL A 115 -2.79 -7.66 -4.77
N ILE A 116 -2.40 -7.08 -5.89
CA ILE A 116 -1.33 -6.09 -5.90
C ILE A 116 -1.97 -4.81 -6.36
N VAL A 117 -1.69 -3.73 -5.63
CA VAL A 117 -2.15 -2.40 -6.02
C VAL A 117 -0.92 -1.55 -6.32
N MET A 118 -0.78 -1.20 -7.59
CA MET A 118 0.33 -0.40 -8.10
C MET A 118 -0.12 1.03 -8.40
N ILE A 119 0.37 1.99 -7.61
CA ILE A 119 -0.03 3.41 -7.76
C ILE A 119 1.18 4.22 -8.20
N THR A 120 1.58 4.01 -9.45
CA THR A 120 2.72 4.72 -10.02
C THR A 120 2.85 4.37 -11.49
N LYS A 121 3.15 5.37 -12.32
CA LYS A 121 3.71 5.07 -13.65
C LYS A 121 5.13 4.53 -13.47
N LEU A 122 5.63 3.83 -14.48
CA LEU A 122 7.01 3.29 -14.43
C LEU A 122 8.03 4.42 -14.39
N LYS A 123 7.79 5.42 -15.24
CA LYS A 123 8.57 6.66 -15.27
C LYS A 123 7.64 7.85 -15.04
N GLU A 124 8.05 8.71 -14.11
CA GLU A 124 7.41 9.99 -13.91
C GLU A 124 8.56 10.96 -13.77
N LYS A 125 9.12 11.33 -14.92
CA LYS A 125 10.39 12.07 -15.01
C LYS A 125 11.56 11.15 -14.65
N ASN A 126 11.61 10.74 -13.39
CA ASN A 126 12.52 9.71 -12.92
C ASN A 126 11.93 8.33 -13.14
N GLU A 127 12.78 7.31 -13.10
CA GLU A 127 12.32 5.93 -12.99
C GLU A 127 11.77 5.75 -11.57
N LYS A 128 10.53 5.28 -11.50
CA LYS A 128 9.81 5.11 -10.25
C LYS A 128 9.60 3.64 -9.91
N CYS A 129 9.49 2.83 -10.94
CA CYS A 129 9.27 1.40 -10.77
C CYS A 129 9.63 0.70 -12.07
N VAL A 130 9.99 -0.57 -11.95
CA VAL A 130 10.38 -1.36 -13.10
C VAL A 130 9.16 -2.17 -13.55
N LEU A 131 9.12 -2.53 -14.83
CA LEU A 131 8.10 -3.46 -15.34
C LEU A 131 8.40 -4.86 -14.80
N TYR A 132 7.62 -5.31 -13.82
CA TYR A 132 7.97 -6.54 -13.10
C TYR A 132 7.07 -7.73 -13.40
N TRP A 133 6.07 -7.55 -14.27
CA TRP A 133 5.13 -8.58 -14.65
C TRP A 133 5.21 -8.79 -16.16
N PRO A 134 4.84 -10.00 -16.62
CA PRO A 134 4.99 -10.37 -18.02
C PRO A 134 3.74 -10.05 -18.83
N GLU A 135 3.85 -10.08 -20.16
CA GLU A 135 2.66 -9.96 -21.02
C GLU A 135 1.81 -11.24 -20.95
N LYS A 136 2.46 -12.40 -21.08
CA LYS A 136 1.80 -13.71 -21.04
C LYS A 136 2.28 -14.52 -19.83
N ARG A 137 3.59 -14.72 -19.77
CA ARG A 137 4.18 -15.62 -18.81
C ARG A 137 5.59 -15.17 -18.53
N GLY A 138 6.03 -15.35 -17.30
CA GLY A 138 7.39 -15.04 -16.93
C GLY A 138 7.75 -15.90 -15.75
N ILE A 139 9.05 -16.14 -15.59
CA ILE A 139 9.58 -16.90 -14.48
C ILE A 139 10.47 -15.99 -13.65
N TYR A 140 10.11 -15.87 -12.38
CA TYR A 140 10.76 -14.97 -11.48
C TYR A 140 11.27 -15.77 -10.31
N GLY A 141 12.53 -16.17 -10.37
CA GLY A 141 13.07 -17.05 -9.37
C GLY A 141 12.30 -18.36 -9.46
N LYS A 142 11.73 -18.79 -8.33
CA LYS A 142 11.03 -20.06 -8.26
C LYS A 142 9.55 -19.92 -8.60
N VAL A 143 9.13 -18.68 -8.86
CA VAL A 143 7.73 -18.38 -9.08
C VAL A 143 7.49 -18.10 -10.56
N GLU A 144 6.49 -18.78 -11.12
CA GLU A 144 6.03 -18.59 -12.48
C GLU A 144 4.79 -17.72 -12.42
N VAL A 145 4.79 -16.58 -13.11
CA VAL A 145 3.55 -15.81 -13.23
C VAL A 145 2.97 -15.90 -14.63
N LEU A 146 1.66 -16.16 -14.66
CA LEU A 146 0.87 -16.32 -15.86
C LEU A 146 -0.18 -15.23 -15.89
N VAL A 147 -0.30 -14.53 -17.01
CA VAL A 147 -1.39 -13.58 -17.20
C VAL A 147 -2.58 -14.32 -17.77
N ILE A 148 -3.64 -14.42 -16.98
CA ILE A 148 -4.87 -15.13 -17.39
C ILE A 148 -5.78 -14.20 -18.20
N SER A 149 -5.87 -12.95 -17.77
CA SER A 149 -6.70 -11.98 -18.46
C SER A 149 -6.26 -10.58 -18.13
N VAL A 150 -6.70 -9.64 -18.94
CA VAL A 150 -6.54 -8.22 -18.69
C VAL A 150 -7.93 -7.64 -18.73
N ASN A 151 -8.19 -6.74 -17.80
CA ASN A 151 -9.45 -6.05 -17.73
C ASN A 151 -9.15 -4.55 -17.72
N GLU A 152 -9.77 -3.80 -18.63
CA GLU A 152 -9.61 -2.34 -18.64
C GLU A 152 -10.75 -1.67 -17.88
N CYS A 153 -10.41 -0.78 -16.95
CA CYS A 153 -11.40 0.08 -16.31
C CYS A 153 -11.14 1.54 -16.63
N ASP A 154 -12.08 2.40 -16.24
CA ASP A 154 -11.99 3.83 -16.48
C ASP A 154 -10.68 4.41 -15.97
N ASN A 155 -10.32 4.04 -14.74
CA ASN A 155 -9.21 4.66 -14.01
C ASN A 155 -8.03 3.75 -13.70
N TYR A 156 -8.10 2.50 -14.15
CA TYR A 156 -7.01 1.55 -13.96
C TYR A 156 -7.25 0.35 -14.83
N THR A 157 -6.20 -0.43 -15.03
CA THR A 157 -6.27 -1.68 -15.78
C THR A 157 -5.96 -2.79 -14.79
N ILE A 158 -6.57 -3.95 -14.98
CA ILE A 158 -6.30 -5.10 -14.13
C ILE A 158 -5.67 -6.23 -14.96
N ARG A 159 -4.58 -6.79 -14.47
CA ARG A 159 -4.14 -8.11 -14.93
C ARG A 159 -4.62 -9.13 -13.91
N ASN A 160 -5.25 -10.18 -14.40
CA ASN A 160 -5.58 -11.31 -13.56
C ASN A 160 -4.51 -12.36 -13.73
N LEU A 161 -3.69 -12.52 -12.69
CA LEU A 161 -2.54 -13.40 -12.70
C LEU A 161 -2.78 -14.72 -11.96
N VAL A 162 -2.06 -15.75 -12.37
CA VAL A 162 -1.79 -16.81 -11.43
C VAL A 162 -0.28 -16.97 -11.25
N LEU A 163 0.10 -17.25 -9.99
CA LEU A 163 1.46 -17.64 -9.64
C LEU A 163 1.50 -19.16 -9.45
N LYS A 164 2.56 -19.80 -9.93
CA LYS A 164 2.71 -21.25 -9.81
C LYS A 164 4.12 -21.61 -9.36
N GLN A 165 4.17 -22.60 -8.46
CA GLN A 165 5.38 -23.27 -8.04
C GLN A 165 4.95 -24.71 -7.95
N GLY A 166 5.50 -25.58 -8.78
CA GLY A 166 5.17 -27.00 -8.72
C GLY A 166 3.68 -27.28 -8.94
N SER A 167 3.06 -27.94 -7.98
CA SER A 167 1.63 -28.27 -8.07
C SER A 167 0.74 -27.11 -7.63
N HIS A 168 1.33 -26.09 -7.03
CA HIS A 168 0.54 -25.08 -6.33
C HIS A 168 0.29 -23.84 -7.18
N THR A 169 -0.95 -23.35 -7.10
CA THR A 169 -1.38 -22.18 -7.85
C THR A 169 -2.01 -21.16 -6.91
N GLN A 170 -1.75 -19.88 -7.18
CA GLN A 170 -2.28 -18.78 -6.39
C GLN A 170 -2.70 -17.67 -7.33
N HIS A 171 -3.93 -17.21 -7.18
CA HIS A 171 -4.45 -16.13 -8.00
C HIS A 171 -4.08 -14.78 -7.43
N VAL A 172 -3.65 -13.88 -8.29
CA VAL A 172 -3.30 -12.54 -7.89
C VAL A 172 -3.91 -11.55 -8.84
N LYS A 173 -4.65 -10.60 -8.28
CA LYS A 173 -5.22 -9.51 -9.04
C LYS A 173 -4.23 -8.34 -8.98
N HIS A 174 -3.78 -7.86 -10.14
CA HIS A 174 -2.82 -6.75 -10.20
C HIS A 174 -3.54 -5.55 -10.80
N TYR A 175 -3.68 -4.50 -9.98
CA TYR A 175 -4.34 -3.24 -10.35
C TYR A 175 -3.27 -2.24 -10.67
N TRP A 176 -3.44 -1.51 -11.78
CA TRP A 176 -2.50 -0.46 -12.16
C TRP A 176 -3.21 0.89 -12.32
N TYR A 177 -2.99 1.77 -11.34
CA TYR A 177 -3.55 3.12 -11.31
C TYR A 177 -2.42 4.05 -11.70
N THR A 178 -2.52 4.64 -12.89
CA THR A 178 -1.44 5.41 -13.51
C THR A 178 -1.63 6.93 -13.55
N SER A 179 -2.79 7.42 -13.14
CA SER A 179 -3.16 8.82 -13.37
C SER A 179 -2.79 9.80 -12.23
N TRP A 180 -2.18 9.29 -11.15
CA TRP A 180 -1.72 10.14 -10.06
C TRP A 180 -0.58 11.08 -10.52
N PRO A 181 -0.77 12.41 -10.37
CA PRO A 181 0.25 13.41 -10.77
C PRO A 181 1.58 13.22 -10.06
N ASP A 182 2.66 13.70 -10.70
CA ASP A 182 4.02 13.56 -10.17
C ASP A 182 4.16 13.95 -8.67
N HIS A 183 3.71 15.16 -8.36
CA HIS A 183 3.88 15.75 -7.02
C HIS A 183 2.60 16.30 -6.42
N LYS A 184 1.52 16.32 -7.21
CA LYS A 184 0.23 16.73 -6.71
C LYS A 184 -0.59 15.47 -6.42
N THR A 185 -1.51 15.61 -5.48
CA THR A 185 -2.55 14.63 -5.32
C THR A 185 -3.53 14.83 -6.48
N PRO A 186 -4.30 13.79 -6.82
CA PRO A 186 -5.35 13.96 -7.82
C PRO A 186 -6.36 15.02 -7.40
N ASP A 187 -6.95 15.69 -8.38
CA ASP A 187 -8.03 16.64 -8.12
C ASP A 187 -9.34 15.94 -7.66
N SER A 188 -9.52 14.68 -8.06
CA SER A 188 -10.68 13.91 -7.62
C SER A 188 -10.23 12.65 -6.93
N ALA A 189 -10.91 12.34 -5.83
CA ALA A 189 -10.69 11.11 -5.09
C ALA A 189 -11.53 9.95 -5.62
N GLN A 190 -12.49 10.23 -6.51
CA GLN A 190 -13.39 9.20 -7.02
C GLN A 190 -12.61 8.02 -7.62
N PRO A 191 -11.65 8.30 -8.52
CA PRO A 191 -10.85 7.19 -9.08
C PRO A 191 -10.20 6.30 -8.01
N LEU A 192 -9.60 6.90 -6.99
CA LEU A 192 -8.96 6.12 -5.94
C LEU A 192 -9.96 5.37 -5.06
N LEU A 193 -11.08 6.00 -4.75
CA LEU A 193 -12.21 5.31 -4.08
C LEU A 193 -12.69 4.08 -4.86
N GLN A 194 -12.84 4.25 -6.17
CA GLN A 194 -13.28 3.18 -7.06
C GLN A 194 -12.33 2.00 -6.91
N LEU A 195 -11.03 2.28 -7.00
CA LEU A 195 -9.98 1.29 -6.76
C LEU A 195 -10.09 0.67 -5.38
N MET A 196 -10.27 1.50 -4.35
CA MET A 196 -10.36 1.01 -2.97
C MET A 196 -11.52 0.02 -2.79
N LEU A 197 -12.62 0.33 -3.49
CA LEU A 197 -13.86 -0.43 -3.38
C LEU A 197 -13.74 -1.74 -4.15
N ASP A 198 -13.08 -1.71 -5.30
CA ASP A 198 -12.82 -2.94 -6.07
C ASP A 198 -11.93 -3.88 -5.28
N VAL A 199 -10.85 -3.33 -4.73
CA VAL A 199 -9.94 -4.08 -3.87
C VAL A 199 -10.61 -4.60 -2.61
N GLU A 200 -11.48 -3.78 -2.03
CA GLU A 200 -12.26 -4.19 -0.86
C GLU A 200 -13.13 -5.43 -1.15
N GLU A 201 -13.79 -5.44 -2.32
CA GLU A 201 -14.50 -6.63 -2.83
C GLU A 201 -13.59 -7.85 -3.04
N ASP A 202 -12.34 -7.62 -3.42
CA ASP A 202 -11.37 -8.71 -3.60
C ASP A 202 -10.95 -9.34 -2.28
N ARG A 203 -10.80 -8.50 -1.26
CA ARG A 203 -10.48 -8.97 0.09
C ARG A 203 -11.63 -9.83 0.66
N LEU A 204 -12.87 -9.39 0.48
CA LEU A 204 -14.04 -10.16 0.92
C LEU A 204 -14.15 -11.50 0.18
N ALA A 205 -13.71 -11.50 -1.08
CA ALA A 205 -13.65 -12.70 -1.91
C ALA A 205 -12.41 -13.57 -1.65
N SER A 206 -11.50 -13.09 -0.79
CA SER A 206 -10.23 -13.73 -0.55
C SER A 206 -10.02 -14.03 0.93
N GLN A 207 -11.03 -14.60 1.58
CA GLN A 207 -10.95 -14.96 2.99
C GLN A 207 -9.80 -15.93 3.28
N GLY A 208 -9.02 -15.57 4.30
CA GLY A 208 -7.94 -16.42 4.77
C GLY A 208 -6.64 -16.23 4.02
N ARG A 209 -6.69 -15.43 2.96
CA ARG A 209 -5.51 -15.23 2.13
C ARG A 209 -4.66 -14.14 2.75
N GLY A 210 -3.52 -13.87 2.12
CA GLY A 210 -2.56 -12.95 2.68
C GLY A 210 -2.88 -11.49 2.43
N PRO A 211 -1.95 -10.62 2.84
CA PRO A 211 -2.10 -9.18 2.73
C PRO A 211 -2.26 -8.68 1.30
N VAL A 212 -3.05 -7.63 1.14
CA VAL A 212 -3.01 -6.88 -0.12
C VAL A 212 -1.67 -6.16 -0.19
N VAL A 213 -0.94 -6.40 -1.28
CA VAL A 213 0.32 -5.70 -1.52
C VAL A 213 0.02 -4.38 -2.21
N VAL A 214 0.51 -3.29 -1.63
CA VAL A 214 0.30 -1.96 -2.17
C VAL A 214 1.68 -1.37 -2.35
N HIS A 215 1.92 -0.78 -3.51
CA HIS A 215 3.12 -0.01 -3.69
C HIS A 215 2.96 1.14 -4.67
N CYS A 216 3.89 2.07 -4.55
CA CYS A 216 4.04 3.15 -5.48
C CYS A 216 5.52 3.09 -5.91
N SER A 217 6.32 4.08 -5.50
CA SER A 217 7.75 4.06 -5.80
C SER A 217 8.54 3.83 -4.51
N ALA A 218 8.31 4.69 -3.52
CA ALA A 218 9.00 4.55 -2.26
C ALA A 218 8.18 3.69 -1.31
N GLY A 219 6.88 3.55 -1.63
CA GLY A 219 5.97 2.71 -0.89
C GLY A 219 5.51 3.27 0.43
N ILE A 220 5.40 4.59 0.51
CA ILE A 220 4.92 5.30 1.70
C ILE A 220 3.91 6.41 1.40
N GLY A 221 4.09 7.15 0.30
CA GLY A 221 3.24 8.32 0.04
C GLY A 221 1.84 7.94 -0.40
N ARG A 222 1.71 7.69 -1.70
CA ARG A 222 0.50 7.18 -2.34
C ARG A 222 0.00 5.88 -1.74
N THR A 223 0.93 4.97 -1.45
CA THR A 223 0.67 3.71 -0.77
C THR A 223 0.04 3.94 0.61
N GLY A 224 0.61 4.84 1.39
CA GLY A 224 0.02 5.26 2.65
C GLY A 224 -1.35 5.88 2.49
N CYS A 225 -1.54 6.66 1.43
CA CYS A 225 -2.85 7.22 1.13
C CYS A 225 -3.89 6.14 0.91
N PHE A 226 -3.54 5.19 0.05
CA PHE A 226 -4.45 4.11 -0.30
C PHE A 226 -4.85 3.30 0.91
N ILE A 227 -3.88 2.98 1.76
CA ILE A 227 -4.10 2.15 2.90
C ILE A 227 -4.85 2.94 4.00
N ALA A 228 -4.46 4.19 4.22
CA ALA A 228 -5.14 5.01 5.22
C ALA A 228 -6.62 5.17 4.86
N THR A 229 -6.88 5.41 3.58
CA THR A 229 -8.24 5.52 3.05
C THR A 229 -9.01 4.21 3.22
N SER A 230 -8.41 3.08 2.82
CA SER A 230 -9.04 1.78 2.97
C SER A 230 -9.52 1.50 4.40
N ILE A 231 -8.64 1.72 5.38
CA ILE A 231 -8.93 1.48 6.79
C ILE A 231 -9.93 2.49 7.32
N GLY A 232 -9.74 3.76 6.96
CA GLY A 232 -10.63 4.83 7.42
C GLY A 232 -12.05 4.72 6.91
N CYS A 233 -12.20 4.27 5.67
CA CYS A 233 -13.53 3.93 5.12
C CYS A 233 -14.13 2.73 5.84
N GLN A 234 -13.28 1.81 6.27
CA GLN A 234 -13.72 0.67 7.03
C GLN A 234 -14.19 1.10 8.42
N GLN A 235 -13.47 2.02 9.06
CA GLN A 235 -13.94 2.63 10.31
C GLN A 235 -15.23 3.44 10.11
N LEU A 236 -15.33 4.17 9.00
CA LEU A 236 -16.58 4.88 8.67
C LEU A 236 -17.76 3.94 8.57
N LYS A 237 -17.55 2.79 7.92
CA LYS A 237 -18.60 1.79 7.70
C LYS A 237 -19.06 1.11 9.00
N GLU A 238 -18.13 0.86 9.92
CA GLU A 238 -18.39 0.05 11.12
C GLU A 238 -18.77 0.91 12.33
N GLU A 239 -18.14 2.07 12.47
CA GLU A 239 -18.29 2.90 13.66
C GLU A 239 -19.03 4.21 13.42
N GLY A 240 -19.15 4.63 12.16
CA GLY A 240 -19.81 5.89 11.82
C GLY A 240 -18.91 7.10 12.02
N VAL A 241 -17.65 6.84 12.37
CA VAL A 241 -16.68 7.89 12.64
C VAL A 241 -15.37 7.50 11.99
N VAL A 242 -14.42 8.41 12.00
CA VAL A 242 -13.09 8.13 11.49
C VAL A 242 -12.03 8.95 12.23
N ASP A 243 -10.98 8.25 12.65
CA ASP A 243 -9.82 8.83 13.31
C ASP A 243 -8.65 8.68 12.33
N ALA A 244 -8.59 9.62 11.38
CA ALA A 244 -7.54 9.65 10.36
C ALA A 244 -6.16 9.94 10.94
N LEU A 245 -6.11 10.78 11.97
CA LEU A 245 -4.87 11.06 12.67
C LEU A 245 -4.28 9.76 13.21
N SER A 246 -5.08 9.05 14.01
CA SER A 246 -4.67 7.78 14.61
C SER A 246 -4.25 6.76 13.57
N ILE A 247 -5.04 6.66 12.51
CA ILE A 247 -4.77 5.74 11.43
C ILE A 247 -3.39 5.96 10.84
N VAL A 248 -3.06 7.21 10.54
CA VAL A 248 -1.79 7.55 9.94
C VAL A 248 -0.64 7.28 10.93
N CYS A 249 -0.86 7.54 12.21
CA CYS A 249 0.13 7.24 13.25
C CYS A 249 0.43 5.76 13.37
N GLN A 250 -0.62 4.93 13.33
CA GLN A 250 -0.47 3.49 13.37
C GLN A 250 0.23 3.01 12.10
N LEU A 251 -0.13 3.57 10.95
CA LEU A 251 0.52 3.23 9.70
C LEU A 251 2.03 3.45 9.78
N ARG A 252 2.40 4.60 10.35
CA ARG A 252 3.82 4.93 10.60
C ARG A 252 4.52 4.12 11.69
N MET A 253 3.72 3.48 12.54
CA MET A 253 4.22 2.47 13.46
C MET A 253 4.63 1.25 12.65
N ASP A 254 3.93 1.01 11.55
CA ASP A 254 4.18 -0.15 10.67
C ASP A 254 5.30 0.11 9.67
N ARG A 255 5.37 1.33 9.17
CA ARG A 255 6.34 1.71 8.14
C ARG A 255 6.54 3.21 8.14
N GLY A 256 7.74 3.66 8.52
CA GLY A 256 8.04 5.08 8.63
C GLY A 256 7.64 5.88 7.41
N GLY A 257 7.02 7.02 7.66
CA GLY A 257 6.72 8.00 6.62
C GLY A 257 5.42 7.81 5.87
N MET A 258 4.62 6.81 6.25
CA MET A 258 3.36 6.53 5.56
C MET A 258 2.46 7.77 5.56
N VAL A 259 1.98 8.12 4.36
CA VAL A 259 1.30 9.42 4.07
C VAL A 259 2.36 10.50 4.22
N GLN A 260 2.99 10.84 3.11
CA GLN A 260 4.28 11.49 3.17
C GLN A 260 4.16 13.01 3.32
N THR A 261 3.15 13.60 2.68
CA THR A 261 2.93 15.05 2.69
C THR A 261 1.56 15.42 3.31
N SER A 262 1.38 16.70 3.65
CA SER A 262 0.12 17.18 4.22
C SER A 262 -0.96 17.23 3.14
N GLU A 263 -0.54 17.49 1.90
CA GLU A 263 -1.43 17.43 0.75
C GLU A 263 -2.05 16.03 0.60
N GLN A 264 -1.23 15.00 0.81
CA GLN A 264 -1.72 13.60 0.83
C GLN A 264 -2.71 13.36 1.96
N TYR A 265 -2.33 13.80 3.15
CA TYR A 265 -3.22 13.76 4.32
C TYR A 265 -4.60 14.35 4.06
N GLU A 266 -4.63 15.52 3.40
CA GLU A 266 -5.86 16.18 3.02
C GLU A 266 -6.62 15.37 2.00
N PHE A 267 -5.87 14.84 1.03
CA PHE A 267 -6.45 14.00 0.00
C PHE A 267 -7.13 12.76 0.57
N VAL A 268 -6.56 12.21 1.64
CA VAL A 268 -7.18 11.07 2.30
C VAL A 268 -8.52 11.53 2.86
N HIS A 269 -8.57 12.75 3.41
CA HIS A 269 -9.82 13.28 3.95
C HIS A 269 -10.87 13.47 2.86
N HIS A 270 -10.44 13.95 1.69
CA HIS A 270 -11.33 14.06 0.51
C HIS A 270 -11.93 12.73 0.17
N ALA A 271 -11.12 11.68 0.21
CA ALA A 271 -11.58 10.34 -0.14
C ALA A 271 -12.55 9.84 0.91
N LEU A 272 -12.17 9.94 2.19
CA LEU A 272 -13.04 9.54 3.30
C LEU A 272 -14.36 10.30 3.27
N CYS A 273 -14.30 11.58 2.89
CA CYS A 273 -15.51 12.39 2.71
C CYS A 273 -16.41 11.89 1.61
N LEU A 274 -15.79 11.62 0.47
CA LEU A 274 -16.46 11.10 -0.70
C LEU A 274 -17.14 9.77 -0.37
N TYR A 275 -16.45 8.95 0.42
CA TYR A 275 -16.98 7.65 0.86
C TYR A 275 -18.21 7.85 1.72
N GLU A 276 -18.10 8.82 2.64
CA GLU A 276 -19.14 9.08 3.62
C GLU A 276 -20.47 9.48 2.96
N SER A 277 -20.42 10.26 1.88
CA SER A 277 -21.63 10.66 1.17
C SER A 277 -22.46 9.48 0.61
N ARG A 278 -21.83 8.32 0.46
CA ARG A 278 -22.48 7.12 -0.05
C ARG A 278 -23.01 6.21 1.06
N LEU A 279 -22.67 6.52 2.32
CA LEU A 279 -23.16 5.75 3.45
C LEU A 279 -24.62 6.06 3.67
N SER A 280 -25.34 5.10 4.22
CA SER A 280 -26.75 5.31 4.57
C SER A 280 -26.80 6.28 5.73
N ALA A 281 -27.79 7.17 5.75
CA ALA A 281 -27.94 8.15 6.83
C ALA A 281 -27.64 7.55 8.21
N GLU A 282 -27.13 8.39 9.11
CA GLU A 282 -26.30 7.96 10.25
C GLU A 282 -27.01 7.07 11.31
N THR A 283 -28.19 7.50 11.76
CA THR A 283 -28.96 6.83 12.84
C THR A 283 -28.78 7.12 14.34
#